data_1NUP
#
_entry.id   1NUP
#
_cell.length_a   79.541
_cell.length_b   79.541
_cell.length_c   146.291
_cell.angle_alpha   90.00
_cell.angle_beta   90.00
_cell.angle_gamma   90.00
#
_symmetry.space_group_name_H-M   'P 43 21 2'
#
loop_
_entity.id
_entity.type
_entity.pdbx_description
1 polymer FKSG76
2 non-polymer 'SULFATE ION'
3 non-polymer 'BETA-NICOTINAMIDE RIBOSE MONOPHOSPHATE'
4 water water
#
_entity_poly.entity_id   1
_entity_poly.type   'polypeptide(L)'
_entity_poly.pdbx_seq_one_letter_code
;MKSRIPVVLLACGSFNPITNMHLRMFEVARDHLHQTGMYQVIQGIISPVNDTYGKKDLAASHHRVAMARLALQTSDWIRV
DPWESEQAQWMETVKVLRHHHSKLLRSPPQMEGPDHGKALFSTPAAVPELKLLCGADVLKTFQTPNLWKDAHIQEIVEKF
GLVCVGRVSHDPKGYIAESPILRMHQHNIHLAKEPVQNEISATYIRRALGQGQSVKYLIPDAVITYIKDHGLYTKGSTWK
GKSTQSTEGKTS
;
_entity_poly.pdbx_strand_id   A,B
#
# COMPACT_ATOMS: atom_id res chain seq x y z
N SER A 3 -25.07 -27.51 10.37
CA SER A 3 -25.31 -26.11 10.82
C SER A 3 -24.13 -25.22 10.44
N ARG A 4 -24.06 -24.04 11.04
CA ARG A 4 -22.99 -23.10 10.73
C ARG A 4 -21.73 -23.30 11.56
N ILE A 5 -20.59 -22.98 10.94
CA ILE A 5 -19.29 -23.08 11.59
C ILE A 5 -19.12 -21.77 12.37
N PRO A 6 -18.83 -21.86 13.68
CA PRO A 6 -18.66 -20.66 14.51
C PRO A 6 -17.32 -20.05 14.12
N VAL A 7 -17.28 -18.72 14.00
CA VAL A 7 -16.08 -18.02 13.62
C VAL A 7 -15.76 -16.82 14.50
N VAL A 8 -14.49 -16.64 14.80
CA VAL A 8 -14.04 -15.51 15.58
C VAL A 8 -13.13 -14.74 14.62
N LEU A 9 -13.31 -13.42 14.52
CA LEU A 9 -12.49 -12.59 13.65
C LEU A 9 -11.44 -11.84 14.47
N LEU A 10 -10.18 -11.89 14.04
CA LEU A 10 -9.12 -11.19 14.75
C LEU A 10 -8.51 -10.15 13.82
N ALA A 11 -8.43 -8.89 14.27
CA ALA A 11 -7.79 -7.85 13.46
C ALA A 11 -6.57 -7.39 14.22
N CYS A 12 -5.42 -7.50 13.56
CA CYS A 12 -4.16 -7.07 14.13
C CYS A 12 -3.76 -5.84 13.37
N GLY A 13 -3.36 -4.78 14.08
CA GLY A 13 -2.96 -3.55 13.42
C GLY A 13 -2.57 -2.49 14.44
N SER A 14 -2.19 -1.31 13.97
CA SER A 14 -1.84 -0.23 14.88
C SER A 14 -2.98 0.32 15.71
N PHE A 15 -4.14 0.57 15.08
CA PHE A 15 -5.28 1.19 15.77
C PHE A 15 -4.71 2.41 16.50
N ASN A 16 -4.20 3.34 15.70
CA ASN A 16 -3.48 4.52 16.18
C ASN A 16 -4.02 5.83 15.59
N PRO A 17 -5.29 6.16 15.90
CA PRO A 17 -6.26 5.45 16.73
C PRO A 17 -7.21 4.57 15.92
N ILE A 18 -8.06 3.82 16.61
CA ILE A 18 -9.05 3.02 15.92
C ILE A 18 -10.00 4.02 15.24
N THR A 19 -10.45 3.70 14.03
CA THR A 19 -11.33 4.60 13.27
C THR A 19 -12.67 3.96 12.93
N ASN A 20 -13.60 4.75 12.40
CA ASN A 20 -14.88 4.16 12.00
C ASN A 20 -14.66 3.17 10.88
N MET A 21 -13.61 3.38 10.09
CA MET A 21 -13.36 2.42 8.98
C MET A 21 -12.87 1.07 9.51
N HIS A 22 -12.02 1.09 10.53
CA HIS A 22 -11.53 -0.17 11.11
C HIS A 22 -12.72 -0.93 11.67
N LEU A 23 -13.64 -0.20 12.28
CA LEU A 23 -14.81 -0.85 12.89
C LEU A 23 -15.76 -1.37 11.82
N ARG A 24 -15.90 -0.58 10.76
CA ARG A 24 -16.79 -0.95 9.66
C ARG A 24 -16.34 -2.27 9.03
N MET A 25 -15.02 -2.48 8.98
CA MET A 25 -14.49 -3.73 8.41
C MET A 25 -15.05 -4.96 9.11
N PHE A 26 -15.17 -4.91 10.43
CA PHE A 26 -15.73 -6.06 11.14
C PHE A 26 -17.18 -6.35 10.73
N GLU A 27 -17.95 -5.27 10.61
CA GLU A 27 -19.35 -5.42 10.25
C GLU A 27 -19.47 -5.98 8.84
N VAL A 28 -18.71 -5.42 7.89
CA VAL A 28 -18.78 -5.88 6.50
C VAL A 28 -18.37 -7.36 6.42
N ALA A 29 -17.31 -7.71 7.14
CA ALA A 29 -16.80 -9.09 7.15
C ALA A 29 -17.82 -10.07 7.74
N ARG A 30 -18.47 -9.67 8.84
CA ARG A 30 -19.47 -10.54 9.44
C ARG A 30 -20.64 -10.78 8.48
N ASP A 31 -21.16 -9.71 7.88
CA ASP A 31 -22.30 -9.88 6.97
C ASP A 31 -21.90 -10.79 5.81
N HIS A 32 -20.71 -10.60 5.28
CA HIS A 32 -20.24 -11.45 4.18
C HIS A 32 -20.21 -12.91 4.56
N LEU A 33 -19.59 -13.24 5.71
CA LEU A 33 -19.52 -14.65 6.13
C LEU A 33 -20.92 -15.21 6.38
N HIS A 34 -21.79 -14.42 6.99
CA HIS A 34 -23.15 -14.92 7.23
C HIS A 34 -23.89 -15.19 5.92
N GLN A 35 -23.64 -14.35 4.93
CA GLN A 35 -24.30 -14.48 3.65
C GLN A 35 -23.91 -15.73 2.87
N THR A 36 -22.77 -16.33 3.21
CA THR A 36 -22.34 -17.55 2.53
C THR A 36 -23.19 -18.71 3.07
N GLY A 37 -23.88 -18.46 4.17
CA GLY A 37 -24.71 -19.47 4.79
C GLY A 37 -24.00 -20.58 5.56
N MET A 38 -22.68 -20.58 5.59
CA MET A 38 -22.02 -21.66 6.30
C MET A 38 -21.28 -21.27 7.57
N TYR A 39 -21.25 -19.97 7.86
CA TYR A 39 -20.58 -19.48 9.04
C TYR A 39 -21.49 -18.64 9.93
N GLN A 40 -21.11 -18.57 11.19
CA GLN A 40 -21.82 -17.76 12.18
C GLN A 40 -20.71 -17.06 12.98
N VAL A 41 -20.59 -15.76 12.83
CA VAL A 41 -19.55 -15.05 13.53
C VAL A 41 -20.00 -14.80 14.97
N ILE A 42 -19.20 -15.24 15.94
CA ILE A 42 -19.61 -15.10 17.32
C ILE A 42 -18.81 -14.06 18.11
N GLN A 43 -17.72 -13.58 17.53
CA GLN A 43 -16.93 -12.60 18.22
C GLN A 43 -15.90 -11.94 17.32
N GLY A 44 -15.55 -10.70 17.66
CA GLY A 44 -14.52 -9.98 16.94
C GLY A 44 -13.50 -9.53 17.97
N ILE A 45 -12.22 -9.55 17.61
CA ILE A 45 -11.17 -9.17 18.53
C ILE A 45 -10.25 -8.14 17.87
N ILE A 46 -10.10 -7.00 18.53
CA ILE A 46 -9.19 -5.95 18.07
C ILE A 46 -7.92 -6.14 18.89
N SER A 47 -6.78 -6.34 18.22
CA SER A 47 -5.52 -6.58 18.93
C SER A 47 -4.46 -5.60 18.48
N PRO A 48 -4.32 -4.48 19.22
CA PRO A 48 -3.34 -3.43 18.92
C PRO A 48 -1.90 -3.99 18.97
N VAL A 49 -1.09 -3.55 18.04
CA VAL A 49 0.28 -4.04 17.93
C VAL A 49 1.18 -3.51 19.04
N ASN A 50 2.28 -4.22 19.27
CA ASN A 50 3.21 -3.87 20.32
C ASN A 50 3.92 -2.54 20.06
N ASP A 51 4.26 -1.81 21.12
CA ASP A 51 4.94 -0.54 20.92
C ASP A 51 6.34 -0.67 20.29
N THR A 52 6.93 -1.87 20.33
CA THR A 52 8.28 -2.04 19.75
C THR A 52 8.26 -2.15 18.22
N TYR A 53 7.08 -2.34 17.65
CA TYR A 53 6.91 -2.51 16.21
C TYR A 53 7.17 -1.31 15.28
N GLY A 54 7.76 -1.63 14.13
CA GLY A 54 7.98 -0.66 13.08
C GLY A 54 8.81 0.59 13.26
N LYS A 55 8.82 1.38 12.19
CA LYS A 55 9.56 2.63 12.09
C LYS A 55 8.74 3.87 12.45
N LYS A 56 7.43 3.77 12.34
CA LYS A 56 6.54 4.89 12.64
C LYS A 56 6.30 5.04 14.13
N ASP A 57 5.96 6.25 14.56
CA ASP A 57 5.68 6.52 15.97
C ASP A 57 4.23 6.23 16.32
N LEU A 58 4.03 5.43 17.37
CA LEU A 58 2.70 5.04 17.79
C LEU A 58 2.40 5.60 19.16
N ALA A 59 1.14 5.94 19.41
CA ALA A 59 0.77 6.41 20.73
C ALA A 59 1.02 5.17 21.59
N ALA A 60 1.21 5.33 22.90
CA ALA A 60 1.42 4.18 23.78
C ALA A 60 0.32 3.12 23.63
N SER A 61 0.69 1.84 23.69
CA SER A 61 -0.34 0.81 23.54
C SER A 61 -1.41 0.97 24.64
N HIS A 62 -1.01 1.49 25.81
CA HIS A 62 -1.96 1.71 26.89
C HIS A 62 -3.12 2.54 26.36
N HIS A 63 -2.78 3.61 25.66
CA HIS A 63 -3.79 4.49 25.06
C HIS A 63 -4.56 3.84 23.89
N ARG A 64 -3.86 3.09 23.04
CA ARG A 64 -4.56 2.49 21.90
C ARG A 64 -5.55 1.43 22.33
N VAL A 65 -5.18 0.67 23.37
CA VAL A 65 -6.07 -0.33 23.91
C VAL A 65 -7.26 0.42 24.55
N ALA A 66 -6.98 1.51 25.28
CA ALA A 66 -8.05 2.28 25.91
C ALA A 66 -9.03 2.81 24.87
N MET A 67 -8.50 3.45 23.85
CA MET A 67 -9.38 3.99 22.80
C MET A 67 -10.20 2.88 22.15
N ALA A 68 -9.60 1.71 21.89
CA ALA A 68 -10.38 0.62 21.28
C ALA A 68 -11.50 0.20 22.24
N ARG A 69 -11.18 0.07 23.53
CA ARG A 69 -12.20 -0.33 24.50
C ARG A 69 -13.36 0.68 24.49
N LEU A 70 -13.03 1.97 24.48
CA LEU A 70 -14.08 2.99 24.47
C LEU A 70 -14.90 2.95 23.18
N ALA A 71 -14.21 2.76 22.08
CA ALA A 71 -14.89 2.67 20.77
C ALA A 71 -15.85 1.51 20.71
N LEU A 72 -15.49 0.42 21.37
CA LEU A 72 -16.27 -0.80 21.35
C LEU A 72 -17.34 -0.94 22.39
N GLN A 73 -17.52 0.09 23.23
CA GLN A 73 -18.53 0.03 24.26
C GLN A 73 -19.91 -0.15 23.61
N THR A 74 -20.13 0.38 22.39
CA THR A 74 -21.43 0.20 21.74
C THR A 74 -21.48 -1.00 20.78
N SER A 75 -20.52 -1.91 20.90
CA SER A 75 -20.55 -3.11 20.08
C SER A 75 -20.92 -4.23 21.01
N ASP A 76 -21.78 -5.13 20.56
CA ASP A 76 -22.14 -6.26 21.42
C ASP A 76 -21.39 -7.53 21.02
N TRP A 77 -20.44 -7.41 20.09
CA TRP A 77 -19.72 -8.61 19.68
C TRP A 77 -18.23 -8.43 19.44
N ILE A 78 -17.73 -7.19 19.46
CA ILE A 78 -16.30 -6.97 19.21
C ILE A 78 -15.66 -6.45 20.49
N ARG A 79 -14.50 -6.97 20.86
CA ARG A 79 -13.82 -6.54 22.08
C ARG A 79 -12.35 -6.31 21.80
N VAL A 80 -11.67 -5.54 22.65
CA VAL A 80 -10.24 -5.35 22.44
C VAL A 80 -9.54 -6.35 23.33
N ASP A 81 -8.42 -6.89 22.86
CA ASP A 81 -7.64 -7.83 23.67
C ASP A 81 -6.22 -7.32 23.63
N PRO A 82 -5.74 -6.85 24.78
CA PRO A 82 -4.40 -6.29 24.92
C PRO A 82 -3.23 -7.29 25.02
N TRP A 83 -3.53 -8.58 24.99
CA TRP A 83 -2.46 -9.56 25.18
C TRP A 83 -1.24 -9.30 24.31
N GLU A 84 -1.46 -9.15 23.02
CA GLU A 84 -0.36 -8.91 22.11
C GLU A 84 0.51 -7.69 22.49
N SER A 85 -0.14 -6.58 22.83
CA SER A 85 0.60 -5.37 23.15
C SER A 85 1.25 -5.45 24.53
N GLU A 86 0.79 -6.37 25.36
CA GLU A 86 1.34 -6.54 26.71
C GLU A 86 2.62 -7.39 26.71
N GLN A 87 2.94 -7.97 25.56
CA GLN A 87 4.16 -8.78 25.52
C GLN A 87 5.41 -7.91 25.53
N ALA A 88 6.55 -8.51 25.87
CA ALA A 88 7.79 -7.77 25.93
C ALA A 88 8.13 -7.21 24.58
N GLN A 89 7.89 -7.99 23.54
CA GLN A 89 8.20 -7.51 22.19
C GLN A 89 7.17 -7.86 21.13
N TRP A 90 7.34 -7.22 19.97
CA TRP A 90 6.46 -7.45 18.82
C TRP A 90 6.46 -8.94 18.53
N MET A 91 5.36 -9.40 17.96
CA MET A 91 5.21 -10.82 17.66
C MET A 91 4.63 -10.95 16.26
N GLU A 92 5.15 -11.88 15.48
CA GLU A 92 4.63 -12.08 14.13
C GLU A 92 3.16 -12.44 14.26
N THR A 93 2.36 -11.98 13.32
CA THR A 93 0.93 -12.22 13.40
C THR A 93 0.53 -13.67 13.57
N VAL A 94 1.27 -14.58 12.94
CA VAL A 94 0.89 -16.00 13.08
C VAL A 94 0.91 -16.45 14.53
N LYS A 95 1.82 -15.88 15.33
CA LYS A 95 1.91 -16.28 16.73
C LYS A 95 0.75 -15.72 17.55
N VAL A 96 0.22 -14.57 17.13
CA VAL A 96 -0.91 -14.00 17.84
C VAL A 96 -2.12 -14.85 17.53
N LEU A 97 -2.21 -15.34 16.28
CA LEU A 97 -3.33 -16.18 15.91
C LEU A 97 -3.28 -17.47 16.74
N ARG A 98 -2.07 -18.04 16.84
CA ARG A 98 -1.90 -19.27 17.60
C ARG A 98 -2.33 -19.03 19.03
N HIS A 99 -1.92 -17.91 19.60
CA HIS A 99 -2.29 -17.64 20.99
C HIS A 99 -3.80 -17.57 21.14
N HIS A 100 -4.46 -16.80 20.29
CA HIS A 100 -5.90 -16.69 20.42
C HIS A 100 -6.64 -17.97 20.10
N HIS A 101 -6.06 -18.81 19.25
CA HIS A 101 -6.69 -20.07 18.92
C HIS A 101 -6.65 -20.97 20.18
N SER A 102 -5.49 -21.03 20.83
CA SER A 102 -5.37 -21.86 22.04
C SER A 102 -6.36 -21.42 23.10
N LYS A 103 -6.57 -20.11 23.19
CA LYS A 103 -7.48 -19.54 24.16
C LYS A 103 -8.93 -20.00 23.90
N LEU A 104 -9.23 -20.34 22.64
CA LEU A 104 -10.58 -20.81 22.28
C LEU A 104 -10.77 -22.24 22.74
N LEU A 105 -9.69 -23.00 22.70
CA LEU A 105 -9.72 -24.41 23.11
C LEU A 105 -10.11 -24.56 24.58
N ALA A 126 -15.57 -29.06 17.59
CA ALA A 126 -16.55 -28.08 18.03
C ALA A 126 -15.89 -26.72 18.30
N VAL A 127 -14.60 -26.62 17.98
CA VAL A 127 -13.86 -25.37 18.18
C VAL A 127 -14.12 -24.41 17.03
N PRO A 128 -14.49 -23.16 17.35
CA PRO A 128 -14.75 -22.20 16.29
C PRO A 128 -13.48 -21.91 15.49
N GLU A 129 -13.65 -21.52 14.24
CA GLU A 129 -12.49 -21.21 13.40
C GLU A 129 -12.10 -19.74 13.62
N LEU A 130 -10.81 -19.51 13.76
CA LEU A 130 -10.26 -18.16 13.97
C LEU A 130 -9.71 -17.65 12.65
N LYS A 131 -10.22 -16.51 12.19
CA LYS A 131 -9.76 -15.96 10.93
C LYS A 131 -9.21 -14.54 11.11
N LEU A 132 -8.18 -14.22 10.35
CA LEU A 132 -7.55 -12.91 10.44
C LEU A 132 -8.33 -11.96 9.55
N LEU A 133 -8.77 -10.83 10.12
CA LEU A 133 -9.53 -9.86 9.35
C LEU A 133 -8.57 -8.76 8.89
N CYS A 134 -8.55 -8.48 7.58
CA CYS A 134 -7.67 -7.41 7.13
C CYS A 134 -8.14 -6.77 5.85
N GLY A 135 -7.50 -5.67 5.49
CA GLY A 135 -7.85 -4.99 4.27
C GLY A 135 -7.17 -5.69 3.10
N ALA A 136 -7.72 -5.54 1.90
CA ALA A 136 -7.13 -6.21 0.73
C ALA A 136 -5.66 -5.81 0.51
N ASP A 137 -5.29 -4.66 1.04
CA ASP A 137 -3.92 -4.19 0.91
C ASP A 137 -2.92 -5.09 1.64
N VAL A 138 -3.39 -5.87 2.59
CA VAL A 138 -2.52 -6.76 3.33
C VAL A 138 -2.05 -7.88 2.42
N LEU A 139 -2.93 -8.32 1.53
CA LEU A 139 -2.55 -9.36 0.60
C LEU A 139 -1.38 -8.89 -0.24
N LYS A 140 -1.34 -7.60 -0.54
CA LYS A 140 -0.26 -7.10 -1.36
C LYS A 140 1.04 -7.18 -0.57
N THR A 141 1.00 -6.80 0.71
CA THR A 141 2.22 -6.82 1.52
C THR A 141 2.83 -8.21 1.64
N PHE A 142 2.03 -9.25 1.39
CA PHE A 142 2.54 -10.60 1.46
C PHE A 142 3.63 -10.75 0.40
N GLN A 143 3.54 -9.92 -0.63
CA GLN A 143 4.49 -9.95 -1.74
C GLN A 143 5.84 -9.30 -1.43
N THR A 144 5.92 -8.57 -0.32
CA THR A 144 7.15 -7.87 0.05
C THR A 144 8.28 -8.76 0.52
N PRO A 145 9.44 -8.67 -0.15
CA PRO A 145 10.57 -9.50 0.24
C PRO A 145 10.91 -9.37 1.72
N ASN A 146 11.08 -10.50 2.39
CA ASN A 146 11.44 -10.53 3.79
C ASN A 146 10.37 -10.07 4.79
N LEU A 147 9.18 -9.68 4.34
CA LEU A 147 8.20 -9.18 5.30
C LEU A 147 7.44 -10.26 6.06
N TRP A 148 7.00 -11.29 5.33
CA TRP A 148 6.28 -12.41 5.91
C TRP A 148 6.96 -13.73 5.51
N LYS A 149 7.15 -14.64 6.43
CA LYS A 149 7.76 -15.92 6.09
C LYS A 149 6.72 -16.73 5.30
N ASP A 150 7.16 -17.36 4.23
CA ASP A 150 6.25 -18.16 3.40
C ASP A 150 5.50 -19.16 4.26
N ALA A 151 6.22 -19.75 5.21
CA ALA A 151 5.63 -20.74 6.09
C ALA A 151 4.49 -20.11 6.89
N HIS A 152 4.68 -18.85 7.27
CA HIS A 152 3.66 -18.15 8.04
C HIS A 152 2.47 -17.82 7.17
N ILE A 153 2.74 -17.36 5.96
CA ILE A 153 1.65 -17.04 5.07
C ILE A 153 0.81 -18.28 4.88
N GLN A 154 1.49 -19.42 4.69
CA GLN A 154 0.76 -20.66 4.48
C GLN A 154 -0.09 -21.02 5.68
N GLU A 155 0.51 -20.99 6.87
CA GLU A 155 -0.22 -21.35 8.08
C GLU A 155 -1.39 -20.41 8.30
N ILE A 156 -1.18 -19.12 8.08
CA ILE A 156 -2.28 -18.16 8.26
C ILE A 156 -3.48 -18.51 7.37
N VAL A 157 -3.24 -18.76 6.08
CA VAL A 157 -4.39 -19.05 5.23
C VAL A 157 -4.94 -20.47 5.39
N GLU A 158 -4.05 -21.43 5.64
CA GLU A 158 -4.48 -22.81 5.77
C GLU A 158 -5.11 -23.19 7.10
N LYS A 159 -4.44 -22.83 8.19
CA LYS A 159 -4.94 -23.19 9.50
C LYS A 159 -5.89 -22.19 10.13
N PHE A 160 -5.90 -20.95 9.66
CA PHE A 160 -6.81 -19.99 10.26
C PHE A 160 -7.81 -19.46 9.25
N GLY A 161 -7.30 -18.77 8.24
CA GLY A 161 -8.16 -18.23 7.21
C GLY A 161 -8.06 -16.73 7.21
N LEU A 162 -8.44 -16.11 6.10
CA LEU A 162 -8.40 -14.67 5.93
C LEU A 162 -9.71 -14.14 5.43
N VAL A 163 -10.13 -13.01 6.00
CA VAL A 163 -11.34 -12.36 5.51
C VAL A 163 -10.79 -10.99 5.11
N CYS A 164 -10.87 -10.68 3.81
CA CYS A 164 -10.34 -9.42 3.32
C CYS A 164 -11.41 -8.48 2.87
N VAL A 165 -11.33 -7.25 3.35
CA VAL A 165 -12.31 -6.26 2.96
C VAL A 165 -11.62 -5.37 1.93
N GLY A 166 -12.30 -5.17 0.82
CA GLY A 166 -11.77 -4.39 -0.29
C GLY A 166 -11.32 -2.99 0.06
N ARG A 167 -10.34 -2.50 -0.70
CA ARG A 167 -9.80 -1.16 -0.52
C ARG A 167 -9.52 -0.53 -1.88
N VAL A 168 -9.95 0.70 -2.04
CA VAL A 168 -9.76 1.39 -3.30
C VAL A 168 -8.31 1.22 -3.76
N SER A 169 -8.15 0.90 -5.04
CA SER A 169 -6.82 0.74 -5.59
C SER A 169 -6.21 -0.64 -5.50
N HIS A 170 -6.88 -1.56 -4.82
CA HIS A 170 -6.34 -2.92 -4.68
C HIS A 170 -7.20 -3.95 -5.39
N ASP A 171 -6.55 -4.94 -5.98
CA ASP A 171 -7.24 -6.02 -6.68
C ASP A 171 -6.91 -7.36 -6.00
N PRO A 172 -7.62 -7.68 -4.90
CA PRO A 172 -7.42 -8.93 -4.14
C PRO A 172 -7.44 -10.18 -5.01
N LYS A 173 -8.41 -10.28 -5.91
CA LYS A 173 -8.48 -11.45 -6.76
C LYS A 173 -7.17 -11.65 -7.51
N GLY A 174 -6.57 -10.56 -7.97
CA GLY A 174 -5.31 -10.69 -8.69
C GLY A 174 -4.19 -11.08 -7.74
N TYR A 175 -4.17 -10.50 -6.54
CA TYR A 175 -3.12 -10.85 -5.57
C TYR A 175 -3.16 -12.36 -5.31
N ILE A 176 -4.37 -12.86 -5.14
CA ILE A 176 -4.56 -14.29 -4.87
C ILE A 176 -4.07 -15.15 -6.01
N ALA A 177 -4.48 -14.82 -7.24
CA ALA A 177 -4.10 -15.59 -8.41
C ALA A 177 -2.61 -15.61 -8.67
N GLU A 178 -1.93 -14.51 -8.35
CA GLU A 178 -0.51 -14.42 -8.60
C GLU A 178 0.40 -14.98 -7.52
N SER A 179 -0.21 -15.46 -6.44
CA SER A 179 0.54 -16.06 -5.35
C SER A 179 0.24 -17.55 -5.30
N PRO A 180 1.25 -18.38 -5.55
CA PRO A 180 0.99 -19.81 -5.52
C PRO A 180 0.37 -20.28 -4.22
N ILE A 181 0.86 -19.74 -3.09
CA ILE A 181 0.37 -20.14 -1.78
C ILE A 181 -1.08 -19.76 -1.60
N LEU A 182 -1.40 -18.50 -1.89
CA LEU A 182 -2.78 -18.01 -1.75
C LEU A 182 -3.72 -18.72 -2.71
N ARG A 183 -3.29 -18.90 -3.95
CA ARG A 183 -4.12 -19.57 -4.94
C ARG A 183 -4.49 -20.98 -4.49
N MET A 184 -3.51 -21.70 -3.96
CA MET A 184 -3.73 -23.08 -3.50
C MET A 184 -4.72 -23.17 -2.35
N HIS A 185 -4.80 -22.12 -1.53
CA HIS A 185 -5.69 -22.13 -0.39
C HIS A 185 -6.75 -21.05 -0.50
N GLN A 186 -7.08 -20.63 -1.72
CA GLN A 186 -8.03 -19.54 -1.91
C GLN A 186 -9.40 -19.76 -1.28
N HIS A 187 -9.76 -21.03 -1.06
CA HIS A 187 -11.04 -21.35 -0.42
C HIS A 187 -11.06 -20.83 1.01
N ASN A 188 -9.89 -20.62 1.60
CA ASN A 188 -9.83 -20.10 2.97
C ASN A 188 -9.61 -18.59 3.01
N ILE A 189 -9.76 -17.93 1.87
CA ILE A 189 -9.63 -16.49 1.78
C ILE A 189 -11.03 -16.03 1.37
N HIS A 190 -11.66 -15.25 2.24
CA HIS A 190 -13.01 -14.74 1.97
C HIS A 190 -12.96 -13.25 1.62
N LEU A 191 -13.36 -12.91 0.40
CA LEU A 191 -13.34 -11.52 -0.01
C LEU A 191 -14.69 -10.87 0.12
N ALA A 192 -14.75 -9.81 0.91
CA ALA A 192 -15.97 -9.04 1.14
C ALA A 192 -15.84 -7.67 0.48
N LYS A 193 -16.95 -7.19 -0.07
CA LYS A 193 -16.99 -5.91 -0.75
C LYS A 193 -17.79 -4.84 -0.01
N GLU A 194 -17.14 -3.77 0.43
CA GLU A 194 -17.91 -2.68 1.04
C GLU A 194 -17.99 -1.64 -0.04
N PRO A 195 -19.19 -1.50 -0.64
CA PRO A 195 -19.45 -0.54 -1.71
C PRO A 195 -19.08 0.91 -1.37
N VAL A 196 -19.08 1.23 -0.07
CA VAL A 196 -18.77 2.59 0.38
C VAL A 196 -17.28 2.94 0.37
N GLN A 197 -16.95 4.07 -0.23
CA GLN A 197 -15.57 4.53 -0.32
C GLN A 197 -14.79 4.46 0.98
N ASN A 198 -15.23 5.24 1.97
CA ASN A 198 -14.59 5.29 3.29
C ASN A 198 -13.17 5.83 3.14
N GLU A 199 -12.25 4.99 2.66
CA GLU A 199 -10.86 5.42 2.49
C GLU A 199 -10.45 6.54 3.45
N ILE A 200 -10.73 6.30 4.72
CA ILE A 200 -10.39 7.19 5.83
C ILE A 200 -9.06 6.60 6.26
N SER A 201 -7.94 7.32 6.18
CA SER A 201 -6.71 6.70 6.70
C SER A 201 -6.37 7.27 8.07
N ALA A 202 -5.91 6.41 8.97
CA ALA A 202 -5.52 6.85 10.30
C ALA A 202 -4.43 7.91 10.18
N THR A 203 -3.62 7.83 9.12
CA THR A 203 -2.55 8.83 8.96
C THR A 203 -3.20 10.18 8.78
N TYR A 204 -4.28 10.22 8.01
CA TYR A 204 -4.97 11.49 7.81
C TYR A 204 -5.57 11.95 9.14
N ILE A 205 -6.16 11.01 9.86
CA ILE A 205 -6.79 11.33 11.14
C ILE A 205 -5.77 11.97 12.09
N ARG A 206 -4.58 11.38 12.18
CA ARG A 206 -3.54 11.93 13.04
C ARG A 206 -3.11 13.32 12.59
N ARG A 207 -2.98 13.52 11.28
CA ARG A 207 -2.55 14.86 10.79
C ARG A 207 -3.61 15.91 11.11
N ALA A 208 -4.87 15.57 10.88
CA ALA A 208 -5.98 16.50 11.15
C ALA A 208 -5.99 16.89 12.63
N LEU A 209 -5.89 15.89 13.51
CA LEU A 209 -5.85 16.13 14.95
C LEU A 209 -4.70 17.08 15.32
N GLY A 210 -3.53 16.82 14.77
CA GLY A 210 -2.37 17.65 15.06
C GLY A 210 -2.56 19.10 14.65
N GLN A 211 -3.39 19.33 13.64
CA GLN A 211 -3.66 20.69 13.18
C GLN A 211 -4.90 21.29 13.85
N GLY A 212 -5.47 20.57 14.80
CA GLY A 212 -6.64 21.09 15.48
C GLY A 212 -7.93 21.02 14.66
N GLN A 213 -7.97 20.19 13.62
CA GLN A 213 -9.17 20.05 12.81
C GLN A 213 -10.07 18.96 13.38
N SER A 214 -11.35 18.99 13.01
CA SER A 214 -12.27 17.98 13.51
C SER A 214 -12.13 16.66 12.81
N VAL A 215 -12.26 15.56 13.55
CA VAL A 215 -12.29 14.24 12.91
C VAL A 215 -13.61 13.59 13.37
N LYS A 216 -14.53 14.43 13.84
CA LYS A 216 -15.82 13.89 14.29
C LYS A 216 -16.52 13.24 13.09
N TYR A 217 -17.22 12.14 13.36
CA TYR A 217 -17.93 11.33 12.38
C TYR A 217 -16.98 10.50 11.49
N LEU A 218 -15.67 10.59 11.77
CA LEU A 218 -14.66 9.76 11.08
C LEU A 218 -14.14 8.69 12.07
N ILE A 219 -14.10 9.05 13.35
CA ILE A 219 -13.73 8.09 14.39
C ILE A 219 -14.78 8.30 15.50
N PRO A 220 -14.98 7.29 16.33
CA PRO A 220 -15.98 7.40 17.39
C PRO A 220 -15.85 8.58 18.36
N ASP A 221 -17.00 9.14 18.71
CA ASP A 221 -17.06 10.24 19.67
C ASP A 221 -16.28 9.89 20.94
N ALA A 222 -16.38 8.66 21.40
CA ALA A 222 -15.72 8.30 22.67
C ALA A 222 -14.19 8.36 22.52
N VAL A 223 -13.72 8.06 21.33
CA VAL A 223 -12.28 8.07 21.06
C VAL A 223 -11.77 9.50 21.02
N ILE A 224 -12.55 10.39 20.42
CA ILE A 224 -12.15 11.80 20.37
C ILE A 224 -12.05 12.37 21.78
N THR A 225 -12.99 11.98 22.64
CA THR A 225 -12.99 12.47 24.04
C THR A 225 -11.70 12.03 24.76
N TYR A 226 -11.32 10.78 24.57
CA TYR A 226 -10.11 10.26 25.21
C TYR A 226 -8.88 11.00 24.68
N ILE A 227 -8.81 11.17 23.35
CA ILE A 227 -7.66 11.86 22.75
C ILE A 227 -7.54 13.27 23.33
N LYS A 228 -8.67 13.93 23.44
CA LYS A 228 -8.68 15.29 23.96
C LYS A 228 -8.27 15.30 25.44
N ASP A 229 -8.89 14.43 26.24
CA ASP A 229 -8.59 14.37 27.66
C ASP A 229 -7.14 14.03 28.01
N HIS A 230 -6.51 13.24 27.17
CA HIS A 230 -5.14 12.81 27.42
C HIS A 230 -4.13 13.49 26.52
N GLY A 231 -4.59 14.51 25.80
CA GLY A 231 -3.70 15.27 24.91
C GLY A 231 -2.89 14.49 23.89
N LEU A 232 -3.53 13.53 23.24
CA LEU A 232 -2.81 12.73 22.27
C LEU A 232 -2.77 13.33 20.87
N TYR A 233 -1.83 12.84 20.06
CA TYR A 233 -1.70 13.27 18.69
C TYR A 233 -1.51 14.76 18.48
N THR A 234 -0.80 15.40 19.39
CA THR A 234 -0.55 16.84 19.22
C THR A 234 0.73 16.95 18.37
N LYS A 235 0.89 18.03 17.61
CA LYS A 235 2.06 18.20 16.76
C LYS A 235 3.37 17.82 17.45
N SER B 3 16.09 32.45 -13.68
CA SER B 3 15.62 31.42 -14.65
C SER B 3 15.21 30.13 -13.93
N ARG B 4 14.53 29.25 -14.67
CA ARG B 4 14.05 28.00 -14.11
C ARG B 4 15.09 26.89 -14.05
N ILE B 5 14.98 26.05 -13.02
CA ILE B 5 15.88 24.93 -12.85
C ILE B 5 15.42 23.78 -13.74
N PRO B 6 16.29 23.30 -14.65
CA PRO B 6 15.93 22.20 -15.56
C PRO B 6 15.76 20.93 -14.73
N VAL B 7 14.70 20.20 -14.99
CA VAL B 7 14.43 18.99 -14.23
C VAL B 7 14.15 17.78 -15.11
N VAL B 8 14.68 16.65 -14.67
CA VAL B 8 14.48 15.36 -15.33
C VAL B 8 13.75 14.50 -14.29
N LEU B 9 12.66 13.84 -14.70
CA LEU B 9 11.90 12.99 -13.79
C LEU B 9 12.13 11.52 -14.14
N LEU B 10 12.50 10.71 -13.14
CA LEU B 10 12.76 9.28 -13.32
C LEU B 10 11.71 8.47 -12.57
N ALA B 11 11.07 7.54 -13.29
CA ALA B 11 10.07 6.69 -12.65
C ALA B 11 10.61 5.28 -12.70
N CYS B 12 10.83 4.70 -11.53
CA CYS B 12 11.31 3.33 -11.41
C CYS B 12 10.14 2.46 -10.99
N GLY B 13 9.87 1.41 -11.74
CA GLY B 13 8.78 0.52 -11.40
C GLY B 13 8.77 -0.75 -12.25
N SER B 14 7.78 -1.60 -12.01
CA SER B 14 7.64 -2.85 -12.75
C SER B 14 7.15 -2.62 -14.17
N PHE B 15 6.21 -1.68 -14.35
CA PHE B 15 5.58 -1.41 -15.66
C PHE B 15 5.26 -2.77 -16.30
N ASN B 16 4.38 -3.50 -15.63
CA ASN B 16 4.01 -4.86 -16.01
C ASN B 16 2.50 -5.10 -16.20
N PRO B 17 1.88 -4.43 -17.18
CA PRO B 17 2.46 -3.48 -18.12
C PRO B 17 2.26 -2.04 -17.71
N ILE B 18 2.89 -1.16 -18.48
CA ILE B 18 2.75 0.26 -18.29
C ILE B 18 1.26 0.54 -18.58
N THR B 19 0.66 1.46 -17.84
CA THR B 19 -0.76 1.77 -18.00
C THR B 19 -0.99 3.29 -18.19
N ASN B 20 -2.23 3.70 -18.50
CA ASN B 20 -2.50 5.13 -18.66
C ASN B 20 -2.25 5.87 -17.35
N MET B 21 -2.40 5.19 -16.21
CA MET B 21 -2.14 5.88 -14.95
C MET B 21 -0.68 6.24 -14.80
N HIS B 22 0.19 5.31 -15.17
CA HIS B 22 1.63 5.55 -15.06
C HIS B 22 2.00 6.75 -15.92
N LEU B 23 1.44 6.80 -17.12
CA LEU B 23 1.72 7.90 -18.05
C LEU B 23 1.16 9.20 -17.53
N ARG B 24 -0.06 9.16 -17.02
CA ARG B 24 -0.69 10.37 -16.49
C ARG B 24 0.16 10.93 -15.35
N MET B 25 0.79 10.04 -14.58
CA MET B 25 1.64 10.49 -13.47
C MET B 25 2.69 11.52 -13.93
N PHE B 26 3.34 11.27 -15.06
CA PHE B 26 4.33 12.22 -15.57
C PHE B 26 3.74 13.57 -15.93
N GLU B 27 2.59 13.56 -16.62
CA GLU B 27 1.95 14.80 -17.04
C GLU B 27 1.55 15.65 -15.83
N VAL B 28 1.00 15.02 -14.81
CA VAL B 28 0.59 15.74 -13.63
C VAL B 28 1.81 16.34 -12.91
N ALA B 29 2.84 15.51 -12.74
CA ALA B 29 4.07 15.94 -12.09
C ALA B 29 4.66 17.15 -12.83
N ARG B 30 4.71 17.08 -14.16
CA ARG B 30 5.29 18.19 -14.92
C ARG B 30 4.51 19.48 -14.75
N ASP B 31 3.18 19.41 -14.87
CA ASP B 31 2.37 20.62 -14.70
C ASP B 31 2.57 21.18 -13.29
N HIS B 32 2.63 20.29 -12.30
CA HIS B 32 2.80 20.78 -10.95
C HIS B 32 4.13 21.53 -10.80
N LEU B 33 5.22 20.94 -11.28
CA LEU B 33 6.52 21.61 -11.17
C LEU B 33 6.54 22.94 -11.90
N HIS B 34 5.96 22.97 -13.09
CA HIS B 34 5.91 24.20 -13.86
C HIS B 34 5.06 25.24 -13.15
N GLN B 35 4.02 24.76 -12.48
CA GLN B 35 3.11 25.63 -11.76
C GLN B 35 3.81 26.40 -10.63
N THR B 36 4.83 25.77 -10.04
CA THR B 36 5.59 26.40 -8.94
C THR B 36 6.33 27.64 -9.43
N GLY B 37 6.64 27.64 -10.72
CA GLY B 37 7.35 28.75 -11.31
C GLY B 37 8.87 28.64 -11.24
N MET B 38 9.37 27.66 -10.50
CA MET B 38 10.82 27.48 -10.33
C MET B 38 11.52 26.44 -11.20
N TYR B 39 10.74 25.57 -11.86
CA TYR B 39 11.35 24.51 -12.67
C TYR B 39 10.87 24.38 -14.10
N GLN B 40 11.72 23.80 -14.92
CA GLN B 40 11.40 23.51 -16.31
C GLN B 40 11.72 22.04 -16.52
N VAL B 41 10.68 21.22 -16.58
CA VAL B 41 10.86 19.79 -16.78
C VAL B 41 11.28 19.61 -18.22
N ILE B 42 12.43 19.00 -18.43
CA ILE B 42 12.92 18.82 -19.77
C ILE B 42 12.87 17.38 -20.28
N GLN B 43 12.79 16.41 -19.36
CA GLN B 43 12.77 15.01 -19.78
C GLN B 43 12.15 14.08 -18.73
N GLY B 44 11.51 13.02 -19.20
CA GLY B 44 10.91 12.04 -18.33
C GLY B 44 11.54 10.72 -18.72
N ILE B 45 11.83 9.88 -17.74
CA ILE B 45 12.43 8.58 -17.98
C ILE B 45 11.71 7.43 -17.26
N ILE B 46 11.26 6.44 -18.01
CA ILE B 46 10.61 5.25 -17.46
C ILE B 46 11.70 4.21 -17.37
N SER B 47 11.92 3.65 -16.18
CA SER B 47 12.96 2.64 -16.03
C SER B 47 12.41 1.39 -15.41
N PRO B 48 12.07 0.40 -16.27
CA PRO B 48 11.52 -0.88 -15.82
C PRO B 48 12.49 -1.66 -14.95
N VAL B 49 11.94 -2.28 -13.92
CA VAL B 49 12.77 -3.03 -12.99
C VAL B 49 13.34 -4.27 -13.65
N ASN B 50 14.48 -4.72 -13.12
CA ASN B 50 15.18 -5.89 -13.61
C ASN B 50 14.39 -7.16 -13.30
N ASP B 51 14.52 -8.19 -14.13
CA ASP B 51 13.79 -9.43 -13.91
C ASP B 51 14.09 -10.19 -12.62
N THR B 52 15.25 -9.96 -12.02
CA THR B 52 15.57 -10.68 -10.78
C THR B 52 14.81 -10.14 -9.57
N TYR B 53 14.12 -9.02 -9.75
CA TYR B 53 13.38 -8.43 -8.64
C TYR B 53 12.11 -9.16 -8.25
N GLY B 54 11.80 -9.11 -6.95
CA GLY B 54 10.58 -9.68 -6.42
C GLY B 54 10.27 -11.17 -6.37
N LYS B 55 9.08 -11.44 -5.85
CA LYS B 55 8.51 -12.79 -5.69
C LYS B 55 7.37 -12.92 -6.69
N LYS B 56 7.25 -11.94 -7.56
CA LYS B 56 6.18 -11.93 -8.54
C LYS B 56 6.68 -12.42 -9.89
N ASP B 57 5.73 -12.80 -10.74
CA ASP B 57 6.07 -13.26 -12.07
C ASP B 57 5.81 -12.14 -13.05
N LEU B 58 6.89 -11.42 -13.34
CA LEU B 58 6.89 -10.29 -14.24
C LEU B 58 7.14 -10.73 -15.68
N ALA B 59 6.54 -10.04 -16.64
CA ALA B 59 6.80 -10.37 -18.04
C ALA B 59 8.30 -10.08 -18.22
N ALA B 60 8.95 -10.72 -19.19
CA ALA B 60 10.38 -10.48 -19.39
C ALA B 60 10.64 -9.00 -19.62
N SER B 61 11.75 -8.52 -19.08
CA SER B 61 12.10 -7.12 -19.21
C SER B 61 12.10 -6.57 -20.64
N HIS B 62 12.57 -7.35 -21.63
CA HIS B 62 12.61 -6.79 -22.98
C HIS B 62 11.20 -6.49 -23.45
N HIS B 63 10.24 -7.27 -22.94
CA HIS B 63 8.86 -7.04 -23.30
C HIS B 63 8.34 -5.78 -22.60
N ARG B 64 8.69 -5.63 -21.34
CA ARG B 64 8.18 -4.46 -20.61
C ARG B 64 8.77 -3.19 -21.16
N VAL B 65 10.03 -3.27 -21.58
CA VAL B 65 10.69 -2.12 -22.19
C VAL B 65 10.04 -1.80 -23.54
N ALA B 66 9.75 -2.82 -24.33
CA ALA B 66 9.11 -2.62 -25.64
C ALA B 66 7.72 -1.99 -25.51
N MET B 67 6.94 -2.46 -24.53
CA MET B 67 5.62 -1.88 -24.34
C MET B 67 5.71 -0.42 -23.91
N ALA B 68 6.65 -0.12 -23.03
CA ALA B 68 6.81 1.25 -22.57
C ALA B 68 7.18 2.14 -23.75
N ARG B 69 8.08 1.66 -24.59
CA ARG B 69 8.48 2.46 -25.76
C ARG B 69 7.24 2.71 -26.65
N LEU B 70 6.45 1.66 -26.84
CA LEU B 70 5.24 1.81 -27.67
C LEU B 70 4.32 2.83 -27.04
N ALA B 71 4.13 2.70 -25.73
CA ALA B 71 3.26 3.63 -25.02
C ALA B 71 3.73 5.07 -25.17
N LEU B 72 5.06 5.24 -25.23
CA LEU B 72 5.65 6.56 -25.30
C LEU B 72 5.90 7.15 -26.68
N GLN B 73 5.54 6.42 -27.74
CA GLN B 73 5.75 6.94 -29.08
C GLN B 73 5.06 8.28 -29.29
N THR B 74 3.91 8.47 -28.65
CA THR B 74 3.17 9.72 -28.78
C THR B 74 3.63 10.82 -27.80
N SER B 75 4.65 10.52 -27.00
CA SER B 75 5.14 11.53 -26.06
C SER B 75 6.33 12.24 -26.66
N ASP B 76 6.40 13.55 -26.52
CA ASP B 76 7.56 14.26 -27.05
C ASP B 76 8.58 14.59 -25.96
N TRP B 77 8.38 14.08 -24.74
CA TRP B 77 9.34 14.36 -23.66
C TRP B 77 9.66 13.19 -22.70
N ILE B 78 8.89 12.12 -22.78
CA ILE B 78 9.12 10.97 -21.90
C ILE B 78 9.64 9.80 -22.72
N ARG B 79 10.70 9.15 -22.23
CA ARG B 79 11.31 8.02 -22.93
C ARG B 79 11.63 6.89 -21.96
N VAL B 80 11.78 5.67 -22.50
CA VAL B 80 12.12 4.54 -21.65
C VAL B 80 13.62 4.35 -21.72
N ASP B 81 14.24 3.98 -20.60
CA ASP B 81 15.69 3.72 -20.60
C ASP B 81 15.86 2.33 -20.01
N PRO B 82 16.24 1.36 -20.84
CA PRO B 82 16.44 -0.03 -20.43
C PRO B 82 17.62 -0.36 -19.54
N TRP B 83 18.49 0.60 -19.29
CA TRP B 83 19.70 0.32 -18.49
C TRP B 83 19.47 -0.55 -17.27
N GLU B 84 18.61 -0.09 -16.37
CA GLU B 84 18.32 -0.82 -15.16
C GLU B 84 17.93 -2.27 -15.40
N SER B 85 17.07 -2.49 -16.38
CA SER B 85 16.62 -3.85 -16.68
C SER B 85 17.71 -4.66 -17.38
N GLU B 86 18.70 -3.99 -17.96
CA GLU B 86 19.76 -4.72 -18.64
C GLU B 86 20.93 -5.10 -17.72
N GLN B 87 20.90 -4.60 -16.49
CA GLN B 87 21.96 -4.95 -15.54
C GLN B 87 21.81 -6.42 -15.18
N ALA B 88 22.88 -7.04 -14.67
CA ALA B 88 22.81 -8.45 -14.33
C ALA B 88 21.78 -8.71 -13.25
N GLN B 89 21.68 -7.81 -12.28
CA GLN B 89 20.74 -8.01 -11.20
C GLN B 89 19.98 -6.76 -10.78
N TRP B 90 18.95 -6.98 -9.96
CA TRP B 90 18.15 -5.89 -9.40
C TRP B 90 19.12 -4.92 -8.71
N MET B 91 18.69 -3.68 -8.56
CA MET B 91 19.49 -2.63 -7.95
C MET B 91 18.59 -1.74 -7.14
N GLU B 92 19.03 -1.35 -5.96
CA GLU B 92 18.22 -0.46 -5.15
C GLU B 92 18.06 0.79 -5.99
N THR B 93 16.93 1.49 -5.80
CA THR B 93 16.61 2.65 -6.59
C THR B 93 17.61 3.81 -6.51
N VAL B 94 18.23 4.01 -5.36
CA VAL B 94 19.17 5.11 -5.27
C VAL B 94 20.33 4.90 -6.25
N LYS B 95 20.67 3.64 -6.52
CA LYS B 95 21.75 3.38 -7.45
C LYS B 95 21.32 3.69 -8.88
N VAL B 96 20.03 3.59 -9.17
CA VAL B 96 19.59 3.90 -10.51
C VAL B 96 19.60 5.39 -10.68
N LEU B 97 19.27 6.11 -9.60
CA LEU B 97 19.30 7.56 -9.63
C LEU B 97 20.75 8.03 -9.85
N ARG B 98 21.68 7.40 -9.14
CA ARG B 98 23.10 7.76 -9.27
C ARG B 98 23.54 7.58 -10.72
N HIS B 99 23.21 6.43 -11.28
CA HIS B 99 23.59 6.14 -12.65
C HIS B 99 23.05 7.20 -13.61
N HIS B 100 21.77 7.50 -13.53
CA HIS B 100 21.22 8.50 -14.44
C HIS B 100 21.74 9.92 -14.20
N HIS B 101 22.08 10.21 -12.96
CA HIS B 101 22.60 11.52 -12.61
C HIS B 101 23.94 11.68 -13.36
N SER B 102 24.76 10.65 -13.30
CA SER B 102 26.05 10.65 -13.98
C SER B 102 25.86 10.86 -15.47
N LYS B 103 24.97 10.08 -16.08
CA LYS B 103 24.71 10.22 -17.51
C LYS B 103 24.41 11.66 -17.88
N LEU B 104 23.70 12.36 -17.01
CA LEU B 104 23.37 13.76 -17.27
C LEU B 104 24.65 14.59 -17.42
N LEU B 105 25.72 14.11 -16.77
CA LEU B 105 27.00 14.78 -16.83
C LEU B 105 27.80 14.29 -18.04
N ARG B 106 27.57 13.03 -18.41
CA ARG B 106 28.25 12.39 -19.54
C ARG B 106 29.69 12.01 -19.17
N VAL B 127 23.55 22.13 -14.76
CA VAL B 127 23.07 20.76 -14.89
C VAL B 127 21.62 20.64 -14.40
N PRO B 128 20.83 19.75 -15.01
CA PRO B 128 19.43 19.61 -14.58
C PRO B 128 19.35 18.78 -13.30
N GLU B 129 18.37 19.05 -12.46
CA GLU B 129 18.22 18.27 -11.24
C GLU B 129 17.43 17.01 -11.58
N LEU B 130 17.86 15.88 -11.01
CA LEU B 130 17.21 14.61 -11.25
C LEU B 130 16.32 14.31 -10.05
N LYS B 131 15.04 14.06 -10.30
CA LYS B 131 14.10 13.77 -9.24
C LYS B 131 13.34 12.47 -9.47
N LEU B 132 13.12 11.72 -8.40
CA LEU B 132 12.42 10.45 -8.49
C LEU B 132 10.92 10.74 -8.50
N LEU B 133 10.22 10.13 -9.47
CA LEU B 133 8.78 10.33 -9.60
C LEU B 133 8.04 9.10 -9.11
N CYS B 134 7.13 9.29 -8.16
CA CYS B 134 6.39 8.12 -7.68
C CYS B 134 5.02 8.49 -7.13
N GLY B 135 4.19 7.47 -6.94
CA GLY B 135 2.87 7.71 -6.38
C GLY B 135 3.00 7.84 -4.88
N ALA B 136 2.01 8.47 -4.23
CA ALA B 136 2.06 8.62 -2.78
C ALA B 136 2.20 7.26 -2.09
N ASP B 137 1.75 6.20 -2.75
CA ASP B 137 1.86 4.87 -2.17
C ASP B 137 3.31 4.49 -1.86
N VAL B 138 4.25 5.07 -2.60
CA VAL B 138 5.65 4.74 -2.36
C VAL B 138 6.11 5.29 -1.02
N LEU B 139 5.68 6.50 -0.65
CA LEU B 139 6.09 7.07 0.62
C LEU B 139 5.68 6.14 1.73
N LYS B 140 4.55 5.46 1.56
CA LYS B 140 4.13 4.56 2.60
C LYS B 140 5.06 3.34 2.67
N THR B 141 5.60 2.91 1.54
CA THR B 141 6.49 1.75 1.56
C THR B 141 7.81 2.07 2.29
N PHE B 142 8.17 3.35 2.35
CA PHE B 142 9.40 3.76 3.08
C PHE B 142 9.29 3.34 4.54
N GLN B 143 8.07 3.17 5.02
CA GLN B 143 7.84 2.81 6.42
C GLN B 143 8.00 1.32 6.66
N THR B 144 7.98 0.52 5.60
CA THR B 144 8.09 -0.93 5.78
C THR B 144 9.46 -1.35 6.30
N PRO B 145 9.46 -2.03 7.45
CA PRO B 145 10.72 -2.48 8.04
C PRO B 145 11.66 -3.14 7.03
N ASN B 146 12.91 -2.69 7.04
CA ASN B 146 13.95 -3.25 6.19
C ASN B 146 13.80 -3.07 4.67
N LEU B 147 12.71 -2.47 4.22
CA LEU B 147 12.51 -2.33 2.78
C LEU B 147 13.42 -1.30 2.12
N TRP B 148 13.56 -0.14 2.75
CA TRP B 148 14.41 0.90 2.22
C TRP B 148 15.37 1.33 3.32
N LYS B 149 16.66 1.34 3.02
CA LYS B 149 17.66 1.75 4.00
C LYS B 149 17.46 3.24 4.28
N ASP B 150 17.48 3.60 5.56
CA ASP B 150 17.32 5.00 5.93
C ASP B 150 18.28 5.87 5.15
N ALA B 151 19.54 5.43 5.03
CA ALA B 151 20.54 6.21 4.29
C ALA B 151 20.09 6.45 2.87
N HIS B 152 19.40 5.47 2.29
CA HIS B 152 18.93 5.62 0.92
C HIS B 152 17.76 6.61 0.83
N ILE B 153 16.81 6.49 1.75
CA ILE B 153 15.68 7.43 1.75
C ILE B 153 16.25 8.85 1.86
N GLN B 154 17.19 9.02 2.80
CA GLN B 154 17.82 10.32 2.95
C GLN B 154 18.49 10.80 1.65
N GLU B 155 19.26 9.92 1.01
CA GLU B 155 19.94 10.34 -0.23
C GLU B 155 18.93 10.75 -1.32
N ILE B 156 17.84 10.00 -1.43
CA ILE B 156 16.84 10.31 -2.43
C ILE B 156 16.30 11.74 -2.28
N VAL B 157 15.92 12.12 -1.06
CA VAL B 157 15.38 13.46 -0.83
C VAL B 157 16.40 14.55 -0.53
N GLU B 158 17.64 14.18 -0.31
CA GLU B 158 18.63 15.20 0.00
C GLU B 158 19.54 15.51 -1.19
N LYS B 159 20.01 14.46 -1.85
CA LYS B 159 20.87 14.61 -3.02
C LYS B 159 20.03 14.82 -4.27
N PHE B 160 18.92 14.10 -4.36
CA PHE B 160 18.06 14.23 -5.52
C PHE B 160 16.78 14.94 -5.06
N GLY B 161 15.64 14.42 -5.46
CA GLY B 161 14.39 15.03 -5.08
C GLY B 161 13.30 14.00 -5.23
N LEU B 162 12.12 14.32 -4.74
CA LEU B 162 11.02 13.37 -4.81
C LEU B 162 9.79 14.10 -5.27
N VAL B 163 9.16 13.64 -6.35
CA VAL B 163 7.92 14.29 -6.79
C VAL B 163 6.87 13.21 -6.60
N CYS B 164 5.89 13.52 -5.76
CA CYS B 164 4.85 12.57 -5.42
C CYS B 164 3.47 12.92 -5.94
N VAL B 165 2.85 11.99 -6.66
CA VAL B 165 1.50 12.20 -7.21
C VAL B 165 0.53 11.45 -6.33
N GLY B 166 -0.55 12.14 -5.97
CA GLY B 166 -1.54 11.56 -5.08
C GLY B 166 -2.15 10.26 -5.54
N ARG B 167 -2.59 9.48 -4.55
CA ARG B 167 -3.25 8.21 -4.80
C ARG B 167 -4.28 8.00 -3.72
N VAL B 168 -5.46 7.51 -4.13
CA VAL B 168 -6.56 7.29 -3.20
C VAL B 168 -6.14 6.48 -2.02
N SER B 169 -6.58 6.92 -0.84
CA SER B 169 -6.27 6.20 0.37
C SER B 169 -4.93 6.54 0.98
N HIS B 170 -4.19 7.44 0.35
CA HIS B 170 -2.90 7.81 0.88
C HIS B 170 -2.84 9.27 1.25
N ASP B 171 -2.19 9.55 2.38
CA ASP B 171 -2.06 10.91 2.89
C ASP B 171 -0.57 11.26 2.94
N PRO B 172 0.00 11.68 1.81
CA PRO B 172 1.41 12.04 1.70
C PRO B 172 1.89 13.06 2.72
N LYS B 173 1.10 14.10 2.99
CA LYS B 173 1.54 15.07 3.99
C LYS B 173 1.77 14.41 5.35
N GLY B 174 0.92 13.44 5.69
CA GLY B 174 1.12 12.76 6.97
C GLY B 174 2.35 11.88 6.94
N TYR B 175 2.57 11.19 5.82
CA TYR B 175 3.73 10.31 5.69
C TYR B 175 5.00 11.14 5.89
N ILE B 176 5.01 12.30 5.28
CA ILE B 176 6.17 13.17 5.41
C ILE B 176 6.35 13.64 6.85
N ALA B 177 5.28 14.18 7.43
CA ALA B 177 5.33 14.67 8.80
C ALA B 177 5.76 13.59 9.79
N GLU B 178 5.37 12.35 9.55
CA GLU B 178 5.73 11.28 10.46
C GLU B 178 7.07 10.61 10.21
N SER B 179 7.73 11.00 9.12
CA SER B 179 9.03 10.42 8.81
C SER B 179 10.11 11.38 9.27
N PRO B 180 10.94 10.94 10.22
CA PRO B 180 12.01 11.80 10.71
C PRO B 180 12.88 12.30 9.54
N ILE B 181 13.12 11.44 8.56
CA ILE B 181 13.94 11.84 7.44
C ILE B 181 13.23 12.75 6.45
N LEU B 182 12.04 12.34 5.99
CA LEU B 182 11.33 13.16 5.03
C LEU B 182 11.01 14.57 5.51
N ARG B 183 10.56 14.70 6.75
CA ARG B 183 10.19 16.03 7.23
C ARG B 183 11.32 17.04 7.24
N MET B 184 12.56 16.56 7.29
CA MET B 184 13.71 17.46 7.28
C MET B 184 14.15 17.90 5.87
N HIS B 185 13.54 17.33 4.84
CA HIS B 185 13.93 17.66 3.48
C HIS B 185 12.73 18.01 2.64
N GLN B 186 11.76 18.69 3.23
CA GLN B 186 10.54 19.04 2.51
C GLN B 186 10.76 19.91 1.31
N HIS B 187 11.87 20.66 1.30
CA HIS B 187 12.15 21.52 0.17
C HIS B 187 12.35 20.73 -1.11
N ASN B 188 12.79 19.49 -1.00
CA ASN B 188 13.05 18.62 -2.14
C ASN B 188 11.93 17.61 -2.39
N ILE B 189 10.78 17.81 -1.75
CA ILE B 189 9.66 16.91 -1.91
C ILE B 189 8.53 17.75 -2.50
N HIS B 190 8.03 17.34 -3.65
CA HIS B 190 6.98 18.09 -4.32
C HIS B 190 5.74 17.23 -4.39
N LEU B 191 4.66 17.70 -3.78
CA LEU B 191 3.42 16.95 -3.77
C LEU B 191 2.49 17.48 -4.85
N ALA B 192 2.22 16.65 -5.85
CA ALA B 192 1.33 17.03 -6.94
C ALA B 192 -0.01 16.37 -6.72
N LYS B 193 -1.06 17.17 -6.61
CA LYS B 193 -2.40 16.63 -6.40
C LYS B 193 -3.03 16.13 -7.69
N GLU B 194 -3.56 14.92 -7.63
CA GLU B 194 -4.25 14.31 -8.77
C GLU B 194 -5.75 14.56 -8.61
N PRO B 195 -6.27 15.60 -9.27
CA PRO B 195 -7.70 15.92 -9.19
C PRO B 195 -8.61 14.86 -9.82
N VAL B 196 -8.04 13.99 -10.62
CA VAL B 196 -8.80 12.95 -11.30
C VAL B 196 -8.78 11.61 -10.57
N GLN B 197 -9.93 10.95 -10.54
CA GLN B 197 -10.08 9.65 -9.89
C GLN B 197 -9.66 8.55 -10.87
N ASN B 198 -8.37 8.40 -11.11
CA ASN B 198 -7.85 7.39 -12.04
C ASN B 198 -7.03 6.36 -11.27
N GLU B 199 -7.66 5.33 -10.74
CA GLU B 199 -6.94 4.33 -9.98
C GLU B 199 -6.92 2.99 -10.74
N ILE B 200 -6.07 2.92 -11.74
CA ILE B 200 -5.92 1.72 -12.55
C ILE B 200 -4.82 0.88 -11.93
N SER B 201 -5.14 -0.33 -11.54
CA SER B 201 -4.14 -1.22 -10.96
C SER B 201 -3.57 -2.14 -12.05
N ALA B 202 -2.24 -2.24 -12.17
CA ALA B 202 -1.66 -3.13 -13.17
C ALA B 202 -2.08 -4.58 -12.85
N THR B 203 -2.27 -4.88 -11.56
CA THR B 203 -2.70 -6.22 -11.15
C THR B 203 -4.06 -6.50 -11.79
N TYR B 204 -4.93 -5.51 -11.74
CA TYR B 204 -6.25 -5.66 -12.34
C TYR B 204 -6.10 -5.84 -13.84
N ILE B 205 -5.20 -5.07 -14.46
CA ILE B 205 -4.99 -5.18 -15.91
C ILE B 205 -4.58 -6.60 -16.28
N ARG B 206 -3.64 -7.16 -15.55
CA ARG B 206 -3.21 -8.51 -15.83
C ARG B 206 -4.34 -9.53 -15.63
N ARG B 207 -5.13 -9.38 -14.56
CA ARG B 207 -6.20 -10.34 -14.32
C ARG B 207 -7.27 -10.27 -15.42
N ALA B 208 -7.65 -9.05 -15.79
CA ALA B 208 -8.64 -8.88 -16.84
C ALA B 208 -8.13 -9.47 -18.16
N LEU B 209 -6.88 -9.19 -18.51
CA LEU B 209 -6.30 -9.74 -19.75
C LEU B 209 -6.36 -11.26 -19.70
N GLY B 210 -6.00 -11.81 -18.55
CA GLY B 210 -6.03 -13.25 -18.37
C GLY B 210 -7.43 -13.83 -18.55
N GLN B 211 -8.46 -13.06 -18.24
CA GLN B 211 -9.83 -13.56 -18.38
C GLN B 211 -10.41 -13.20 -19.72
N GLY B 212 -9.62 -12.58 -20.59
CA GLY B 212 -10.11 -12.22 -21.90
C GLY B 212 -11.01 -11.00 -21.90
N GLN B 213 -10.89 -10.17 -20.88
CA GLN B 213 -11.70 -8.97 -20.83
C GLN B 213 -10.90 -7.82 -21.44
N SER B 214 -11.65 -6.81 -21.89
CA SER B 214 -11.04 -5.64 -22.49
C SER B 214 -10.33 -4.75 -21.48
N VAL B 215 -9.20 -4.19 -21.88
CA VAL B 215 -8.51 -3.20 -21.04
C VAL B 215 -8.29 -1.98 -21.93
N LYS B 216 -9.01 -1.95 -23.05
CA LYS B 216 -8.92 -0.82 -23.97
C LYS B 216 -9.32 0.44 -23.19
N TYR B 217 -8.64 1.54 -23.50
CA TYR B 217 -8.83 2.83 -22.86
C TYR B 217 -8.23 2.89 -21.46
N LEU B 218 -7.68 1.78 -20.97
CA LEU B 218 -7.01 1.74 -19.68
C LEU B 218 -5.49 1.76 -19.88
N ILE B 219 -5.04 1.17 -20.98
CA ILE B 219 -3.61 1.22 -21.34
C ILE B 219 -3.59 1.51 -22.84
N PRO B 220 -2.47 2.06 -23.37
CA PRO B 220 -2.38 2.39 -24.79
C PRO B 220 -2.70 1.25 -25.77
N ASP B 221 -3.38 1.62 -26.85
CA ASP B 221 -3.73 0.66 -27.88
C ASP B 221 -2.54 -0.17 -28.36
N ALA B 222 -1.42 0.49 -28.63
CA ALA B 222 -0.27 -0.23 -29.13
C ALA B 222 0.22 -1.26 -28.15
N VAL B 223 0.07 -0.98 -26.86
CA VAL B 223 0.52 -1.94 -25.85
C VAL B 223 -0.42 -3.17 -25.84
N ILE B 224 -1.70 -2.93 -26.05
CA ILE B 224 -2.67 -4.01 -26.09
C ILE B 224 -2.31 -4.93 -27.27
N THR B 225 -1.99 -4.35 -28.40
CA THR B 225 -1.65 -5.15 -29.57
C THR B 225 -0.39 -5.96 -29.30
N TYR B 226 0.59 -5.32 -28.69
CA TYR B 226 1.85 -6.00 -28.38
C TYR B 226 1.60 -7.21 -27.48
N ILE B 227 0.77 -7.01 -26.46
CA ILE B 227 0.44 -8.07 -25.51
C ILE B 227 -0.19 -9.26 -26.25
N LYS B 228 -1.11 -8.96 -27.14
CA LYS B 228 -1.76 -10.03 -27.89
C LYS B 228 -0.73 -10.71 -28.80
N ASP B 229 0.06 -9.92 -29.50
CA ASP B 229 1.04 -10.49 -30.43
C ASP B 229 2.05 -11.39 -29.77
N HIS B 230 2.39 -11.11 -28.52
CA HIS B 230 3.38 -11.92 -27.86
C HIS B 230 2.81 -12.86 -26.83
N GLY B 231 1.49 -12.96 -26.81
CA GLY B 231 0.85 -13.86 -25.87
C GLY B 231 1.24 -13.61 -24.42
N LEU B 232 1.29 -12.33 -24.02
CA LEU B 232 1.63 -12.03 -22.63
C LEU B 232 0.39 -12.01 -21.75
N TYR B 233 0.60 -12.22 -20.45
CA TYR B 233 -0.46 -12.19 -19.44
C TYR B 233 -1.61 -13.14 -19.72
N THR B 234 -1.30 -14.36 -20.16
CA THR B 234 -2.36 -15.32 -20.40
C THR B 234 -2.55 -16.22 -19.18
#